data_2JAB
#
_entry.id   2JAB
#
_cell.length_a   152.080
_cell.length_b   52.191
_cell.length_c   70.164
_cell.angle_alpha   90.00
_cell.angle_beta   105.19
_cell.angle_gamma   90.00
#
_symmetry.space_group_name_H-M   'C 1 2 1'
#
loop_
_entity.id
_entity.type
_entity.pdbx_description
1 polymer H10-2-G3
2 water water
#
_entity_poly.entity_id   1
_entity_poly.type   'polypeptide(L)'
_entity_poly.pdbx_seq_one_letter_code
;MRGSHHHHHHGSDLGKKLLEAARAGQDDEVRILMANGADVNAKDEYGLTPLYLATAHGHLEIVEVLLKNGADVNAVDAIG
FTPLHLAAFIGHLEIAEVLLKHGADVNAQDKFGKTAFDISIGNGNEDLAEILQKLN
;
_entity_poly.pdbx_strand_id   A,B,C
#
# COMPACT_ATOMS: atom_id res chain seq x y z
N SER A 12 -9.19 0.05 3.67
CA SER A 12 -10.04 0.91 2.78
C SER A 12 -9.68 2.40 2.91
N ASP A 13 -9.77 2.96 4.11
CA ASP A 13 -9.15 4.26 4.37
C ASP A 13 -7.63 4.06 4.31
N LEU A 14 -7.10 3.15 5.13
CA LEU A 14 -5.69 2.81 5.07
C LEU A 14 -5.29 2.13 3.76
N GLY A 15 -6.23 1.42 3.13
CA GLY A 15 -5.95 0.82 1.81
C GLY A 15 -5.65 1.87 0.74
N LYS A 16 -6.46 2.92 0.72
CA LYS A 16 -6.25 4.04 -0.19
C LYS A 16 -4.87 4.66 0.06
N LYS A 17 -4.55 4.92 1.34
CA LYS A 17 -3.22 5.44 1.72
C LYS A 17 -2.09 4.49 1.28
N LEU A 18 -2.32 3.18 1.41
CA LEU A 18 -1.31 2.22 1.00
C LEU A 18 -1.09 2.25 -0.51
N LEU A 19 -2.18 2.33 -1.28
CA LEU A 19 -2.08 2.42 -2.77
C LEU A 19 -1.30 3.67 -3.13
N GLU A 20 -1.59 4.77 -2.45
CA GLU A 20 -0.88 6.03 -2.68
C GLU A 20 0.60 5.94 -2.34
N ALA A 21 0.94 5.28 -1.24
CA ALA A 21 2.35 5.20 -0.82
C ALA A 21 3.15 4.29 -1.78
N ALA A 22 2.52 3.22 -2.26
CA ALA A 22 3.14 2.33 -3.26
C ALA A 22 3.39 3.07 -4.58
N ARG A 23 2.38 3.81 -5.05
CA ARG A 23 2.52 4.63 -6.27
C ARG A 23 3.65 5.63 -6.20
N ALA A 24 3.82 6.22 -5.02
CA ALA A 24 4.77 7.31 -4.86
C ALA A 24 6.14 6.87 -4.36
N GLY A 25 6.32 5.55 -4.14
CA GLY A 25 7.59 5.00 -3.66
C GLY A 25 7.93 5.41 -2.23
N GLN A 26 6.90 5.59 -1.40
CA GLN A 26 7.10 6.03 -0.02
C GLN A 26 7.33 4.82 0.91
N ASP A 27 8.57 4.33 0.94
CA ASP A 27 8.93 3.12 1.70
C ASP A 27 8.49 3.18 3.16
N ASP A 28 8.84 4.30 3.82
CA ASP A 28 8.53 4.39 5.24
C ASP A 28 7.02 4.48 5.54
N GLU A 29 6.26 5.14 4.66
CA GLU A 29 4.77 5.19 4.80
C GLU A 29 4.18 3.81 4.62
N VAL A 30 4.73 3.05 3.67
CA VAL A 30 4.30 1.65 3.54
C VAL A 30 4.51 0.83 4.83
N ARG A 31 5.70 0.93 5.43
CA ARG A 31 5.97 0.22 6.67
C ARG A 31 5.03 0.64 7.82
N ILE A 32 4.78 1.94 7.93
CA ILE A 32 3.80 2.41 8.94
C ILE A 32 2.40 1.82 8.70
N LEU A 33 1.94 1.82 7.46
CA LEU A 33 0.61 1.32 7.14
C LEU A 33 0.52 -0.20 7.40
N MET A 34 1.56 -0.96 7.04
CA MET A 34 1.62 -2.39 7.39
C MET A 34 1.49 -2.60 8.91
N ALA A 35 2.19 -1.76 9.70
CA ALA A 35 2.20 -1.87 11.16
C ALA A 35 0.84 -1.56 11.75
N ASN A 36 -0.02 -0.90 10.96
CA ASN A 36 -1.36 -0.48 11.41
C ASN A 36 -2.47 -1.27 10.71
N GLY A 37 -2.09 -2.40 10.11
CA GLY A 37 -3.04 -3.33 9.51
C GLY A 37 -3.74 -2.92 8.22
N ALA A 38 -3.11 -2.05 7.41
CA ALA A 38 -3.71 -1.69 6.12
C ALA A 38 -3.93 -2.93 5.25
N ASP A 39 -4.99 -2.93 4.44
CA ASP A 39 -5.28 -4.03 3.49
C ASP A 39 -4.20 -4.11 2.41
N VAL A 40 -3.34 -5.12 2.54
CA VAL A 40 -2.20 -5.31 1.65
C VAL A 40 -2.63 -5.53 0.18
N ASN A 41 -3.87 -6.01 -0.01
CA ASN A 41 -4.39 -6.26 -1.34
C ASN A 41 -5.49 -5.30 -1.77
N ALA A 42 -5.45 -4.07 -1.24
CA ALA A 42 -6.46 -3.06 -1.60
C ALA A 42 -6.43 -2.87 -3.10
N LYS A 43 -7.56 -2.59 -3.71
CA LYS A 43 -7.59 -2.39 -5.16
C LYS A 43 -7.99 -0.96 -5.47
N ASP A 44 -7.35 -0.36 -6.46
CA ASP A 44 -7.72 1.00 -6.84
C ASP A 44 -8.78 0.95 -7.95
N GLU A 45 -9.23 2.10 -8.45
CA GLU A 45 -10.28 2.18 -9.46
C GLU A 45 -9.87 1.49 -10.77
N TYR A 46 -8.56 1.38 -11.00
CA TYR A 46 -7.98 0.67 -12.18
C TYR A 46 -7.91 -0.85 -11.94
N GLY A 47 -8.33 -1.29 -10.75
CA GLY A 47 -8.31 -2.72 -10.42
C GLY A 47 -6.95 -3.26 -10.02
N LEU A 48 -6.02 -2.37 -9.68
CA LEU A 48 -4.65 -2.77 -9.40
C LEU A 48 -4.34 -2.71 -7.90
N THR A 49 -3.39 -3.53 -7.47
CA THR A 49 -2.99 -3.69 -6.06
C THR A 49 -1.64 -3.03 -5.77
N PRO A 50 -1.33 -2.79 -4.48
CA PRO A 50 -0.04 -2.17 -4.15
C PRO A 50 1.14 -2.97 -4.73
N LEU A 51 1.10 -4.30 -4.66
CA LEU A 51 2.21 -5.09 -5.15
C LEU A 51 2.48 -4.81 -6.65
N TYR A 52 1.42 -4.72 -7.43
CA TYR A 52 1.53 -4.46 -8.88
C TYR A 52 2.09 -3.07 -9.12
N LEU A 53 1.57 -2.10 -8.39
CA LEU A 53 2.01 -0.74 -8.56
C LEU A 53 3.47 -0.55 -8.17
N ALA A 54 3.89 -1.16 -7.06
CA ALA A 54 5.26 -1.05 -6.63
C ALA A 54 6.19 -1.75 -7.64
N THR A 55 5.79 -2.93 -8.08
CA THR A 55 6.52 -3.65 -9.15
C THR A 55 6.66 -2.79 -10.40
N ALA A 56 5.56 -2.23 -10.91
CA ALA A 56 5.60 -1.33 -12.08
C ALA A 56 6.69 -0.25 -11.96
N HIS A 57 6.89 0.29 -10.75
CA HIS A 57 7.84 1.37 -10.53
C HIS A 57 9.24 0.91 -10.18
N GLY A 58 9.44 -0.39 -10.01
CA GLY A 58 10.75 -0.88 -9.59
C GLY A 58 11.08 -0.66 -8.13
N HIS A 59 10.05 -0.53 -7.28
CA HIS A 59 10.29 -0.22 -5.86
C HIS A 59 10.51 -1.51 -5.10
N LEU A 60 11.77 -1.96 -5.10
CA LEU A 60 12.15 -3.27 -4.49
C LEU A 60 11.81 -3.38 -2.99
N GLU A 61 12.24 -2.40 -2.16
CA GLU A 61 11.95 -2.40 -0.74
C GLU A 61 10.45 -2.51 -0.44
N ILE A 62 9.62 -1.76 -1.16
CA ILE A 62 8.17 -1.79 -0.99
C ILE A 62 7.65 -3.16 -1.40
N VAL A 63 8.13 -3.68 -2.53
CA VAL A 63 7.73 -5.05 -2.95
C VAL A 63 8.01 -6.07 -1.85
N GLU A 64 9.21 -6.02 -1.28
CA GLU A 64 9.64 -6.97 -0.24
C GLU A 64 8.74 -6.87 1.00
N VAL A 65 8.47 -5.62 1.40
CA VAL A 65 7.59 -5.37 2.55
C VAL A 65 6.17 -5.92 2.33
N LEU A 66 5.57 -5.59 1.18
CA LEU A 66 4.23 -6.05 0.84
C LEU A 66 4.18 -7.59 0.84
N LEU A 67 5.15 -8.21 0.18
CA LEU A 67 5.17 -9.71 0.14
C LEU A 67 5.25 -10.35 1.52
N LYS A 68 6.06 -9.74 2.39
CA LYS A 68 6.22 -10.22 3.76
C LYS A 68 4.93 -10.09 4.55
N ASN A 69 4.09 -9.12 4.16
CA ASN A 69 2.78 -8.90 4.80
C ASN A 69 1.61 -9.53 4.05
N GLY A 70 1.91 -10.51 3.20
CA GLY A 70 0.85 -11.30 2.59
C GLY A 70 0.26 -10.81 1.28
N ALA A 71 0.97 -9.93 0.56
CA ALA A 71 0.47 -9.44 -0.72
C ALA A 71 0.26 -10.59 -1.70
N ASP A 72 -0.80 -10.49 -2.48
CA ASP A 72 -1.23 -11.57 -3.41
C ASP A 72 -0.38 -11.58 -4.69
N VAL A 73 0.50 -12.57 -4.82
CA VAL A 73 1.33 -12.70 -6.06
C VAL A 73 0.55 -13.04 -7.34
N ASN A 74 -0.70 -13.47 -7.20
CA ASN A 74 -1.53 -13.90 -8.33
C ASN A 74 -2.47 -12.83 -8.85
N ALA A 75 -2.45 -11.65 -8.23
CA ALA A 75 -3.23 -10.53 -8.67
C ALA A 75 -2.88 -10.23 -10.13
N VAL A 76 -3.88 -9.96 -10.96
CA VAL A 76 -3.62 -9.67 -12.37
C VAL A 76 -4.21 -8.32 -12.79
N ASP A 77 -3.65 -7.73 -13.84
CA ASP A 77 -4.23 -6.53 -14.46
C ASP A 77 -5.20 -6.90 -15.59
N ALA A 78 -5.50 -5.93 -16.47
CA ALA A 78 -6.46 -6.10 -17.54
C ALA A 78 -5.99 -7.07 -18.64
N ILE A 79 -4.67 -7.20 -18.81
CA ILE A 79 -4.14 -8.15 -19.83
C ILE A 79 -3.74 -9.50 -19.23
N GLY A 80 -4.07 -9.70 -17.96
CA GLY A 80 -3.65 -10.90 -17.22
C GLY A 80 -2.20 -10.94 -16.76
N PHE A 81 -1.51 -9.80 -16.78
CA PHE A 81 -0.18 -9.70 -16.20
C PHE A 81 -0.25 -9.81 -14.67
N THR A 82 0.49 -10.77 -14.11
CA THR A 82 0.81 -10.84 -12.67
C THR A 82 2.00 -9.90 -12.42
N PRO A 83 2.29 -9.58 -11.14
CA PRO A 83 3.55 -8.84 -10.87
C PRO A 83 4.80 -9.52 -11.46
N LEU A 84 4.83 -10.86 -11.53
CA LEU A 84 5.99 -11.48 -12.19
C LEU A 84 6.07 -11.15 -13.67
N HIS A 85 4.94 -11.12 -14.37
CA HIS A 85 4.92 -10.70 -15.78
C HIS A 85 5.46 -9.28 -15.90
N LEU A 86 5.04 -8.41 -14.98
CA LEU A 86 5.44 -7.00 -15.06
C LEU A 86 6.95 -6.87 -14.82
N ALA A 87 7.47 -7.62 -13.85
CA ALA A 87 8.89 -7.57 -13.53
C ALA A 87 9.69 -8.09 -14.73
N ALA A 88 9.17 -9.14 -15.37
CA ALA A 88 9.75 -9.66 -16.63
C ALA A 88 9.77 -8.63 -17.76
N PHE A 89 8.72 -7.83 -17.86
CA PHE A 89 8.62 -6.78 -18.87
C PHE A 89 9.65 -5.68 -18.62
N ILE A 90 9.68 -5.18 -17.38
CA ILE A 90 10.57 -4.04 -17.04
C ILE A 90 12.03 -4.49 -16.90
N GLY A 91 12.24 -5.76 -16.60
CA GLY A 91 13.58 -6.28 -16.46
C GLY A 91 14.13 -6.09 -15.06
N HIS A 92 13.27 -6.12 -14.04
CA HIS A 92 13.76 -5.95 -12.67
C HIS A 92 14.10 -7.30 -12.04
N LEU A 93 15.38 -7.61 -12.05
CA LEU A 93 15.91 -8.93 -11.64
C LEU A 93 15.58 -9.21 -10.18
N GLU A 94 15.91 -8.26 -9.29
CA GLU A 94 15.72 -8.46 -7.86
C GLU A 94 14.23 -8.60 -7.49
N ILE A 95 13.37 -7.81 -8.12
CA ILE A 95 11.93 -7.92 -7.86
C ILE A 95 11.44 -9.30 -8.35
N ALA A 96 11.89 -9.72 -9.54
CA ALA A 96 11.51 -11.08 -10.00
C ALA A 96 11.92 -12.16 -8.98
N GLU A 97 13.16 -12.09 -8.50
CA GLU A 97 13.68 -13.05 -7.54
C GLU A 97 12.86 -13.10 -6.27
N VAL A 98 12.54 -11.93 -5.70
CA VAL A 98 11.74 -11.95 -4.46
C VAL A 98 10.28 -12.44 -4.71
N LEU A 99 9.69 -12.11 -5.85
CA LEU A 99 8.36 -12.62 -6.18
C LEU A 99 8.41 -14.15 -6.25
N LEU A 100 9.42 -14.69 -6.94
CA LEU A 100 9.55 -16.17 -6.97
C LEU A 100 9.72 -16.82 -5.59
N LYS A 101 10.46 -16.16 -4.70
CA LYS A 101 10.66 -16.66 -3.36
C LYS A 101 9.34 -16.74 -2.56
N HIS A 102 8.41 -15.84 -2.90
CA HIS A 102 7.08 -15.81 -2.31
C HIS A 102 6.01 -16.53 -3.14
N GLY A 103 6.41 -17.45 -4.02
CA GLY A 103 5.45 -18.28 -4.73
C GLY A 103 4.77 -17.75 -5.98
N ALA A 104 5.36 -16.73 -6.63
CA ALA A 104 4.87 -16.30 -7.94
C ALA A 104 4.90 -17.52 -8.88
N ASP A 105 3.85 -17.70 -9.66
CA ASP A 105 3.69 -18.88 -10.54
C ASP A 105 4.41 -18.64 -11.86
N VAL A 106 5.44 -19.43 -12.08
CA VAL A 106 6.25 -19.31 -13.30
C VAL A 106 5.45 -19.74 -14.56
N ASN A 107 4.35 -20.45 -14.36
CA ASN A 107 3.53 -20.96 -15.46
C ASN A 107 2.31 -20.10 -15.74
N ALA A 108 2.11 -19.05 -14.93
CA ALA A 108 0.93 -18.20 -15.06
C ALA A 108 0.92 -17.60 -16.47
N GLN A 109 -0.20 -17.73 -17.18
CA GLN A 109 -0.29 -17.18 -18.55
C GLN A 109 -1.14 -15.93 -18.57
N ASP A 110 -0.71 -14.92 -19.33
CA ASP A 110 -1.58 -13.78 -19.57
C ASP A 110 -2.73 -14.12 -20.53
N LYS A 111 -3.48 -13.08 -20.91
CA LYS A 111 -4.65 -13.16 -21.76
C LYS A 111 -4.38 -13.85 -23.11
N PHE A 112 -3.12 -13.76 -23.54
CA PHE A 112 -2.70 -14.25 -24.83
C PHE A 112 -1.79 -15.47 -24.72
N GLY A 113 -1.73 -16.03 -23.51
CA GLY A 113 -1.08 -17.31 -23.28
C GLY A 113 0.40 -17.24 -22.93
N LYS A 114 0.89 -16.02 -22.68
CA LYS A 114 2.31 -15.80 -22.44
C LYS A 114 2.66 -15.91 -20.97
N THR A 115 3.74 -16.63 -20.69
CA THR A 115 4.28 -16.69 -19.34
C THR A 115 5.26 -15.53 -19.11
N ALA A 116 5.66 -15.30 -17.86
CA ALA A 116 6.71 -14.30 -17.54
C ALA A 116 7.99 -14.54 -18.36
N PHE A 117 8.40 -15.81 -18.47
CA PHE A 117 9.53 -16.14 -19.35
C PHE A 117 9.35 -15.60 -20.78
N ASP A 118 8.19 -15.88 -21.38
CA ASP A 118 7.86 -15.40 -22.72
C ASP A 118 7.99 -13.88 -22.81
N ILE A 119 7.53 -13.20 -21.76
CA ILE A 119 7.57 -11.74 -21.74
C ILE A 119 9.01 -11.28 -21.68
N SER A 120 9.81 -11.92 -20.84
CA SER A 120 11.22 -11.51 -20.65
C SER A 120 12.01 -11.64 -21.96
N ILE A 121 11.81 -12.76 -22.66
CA ILE A 121 12.40 -12.98 -23.98
C ILE A 121 11.89 -11.95 -25.01
N GLY A 122 10.58 -11.67 -25.02
CA GLY A 122 10.01 -10.69 -25.99
C GLY A 122 10.52 -9.27 -25.79
N ASN A 123 10.97 -8.95 -24.58
CA ASN A 123 11.43 -7.60 -24.26
C ASN A 123 12.97 -7.52 -24.08
N GLY A 124 13.64 -8.57 -24.56
CA GLY A 124 15.10 -8.65 -24.58
C GLY A 124 15.77 -8.63 -23.22
N ASN A 125 15.07 -9.11 -22.19
CA ASN A 125 15.63 -9.09 -20.84
C ASN A 125 16.29 -10.45 -20.55
N GLU A 126 17.54 -10.60 -20.98
CA GLU A 126 18.17 -11.94 -21.07
C GLU A 126 18.45 -12.55 -19.70
N ASP A 127 18.97 -11.71 -18.81
CA ASP A 127 19.28 -12.12 -17.45
C ASP A 127 18.04 -12.57 -16.71
N LEU A 128 16.93 -11.85 -16.89
CA LEU A 128 15.67 -12.21 -16.26
C LEU A 128 15.14 -13.54 -16.84
N ALA A 129 15.19 -13.67 -18.17
CA ALA A 129 14.87 -14.96 -18.85
C ALA A 129 15.64 -16.14 -18.25
N GLU A 130 16.94 -15.94 -17.98
CA GLU A 130 17.75 -17.00 -17.35
C GLU A 130 17.26 -17.46 -15.95
N ILE A 131 16.88 -16.51 -15.10
CA ILE A 131 16.42 -16.91 -13.77
C ILE A 131 15.07 -17.62 -13.87
N LEU A 132 14.22 -17.17 -14.79
CA LEU A 132 12.93 -17.83 -15.02
C LEU A 132 13.09 -19.23 -15.61
N GLN A 133 13.98 -19.35 -16.60
CA GLN A 133 14.25 -20.68 -17.22
C GLN A 133 14.74 -21.69 -16.18
N LYS A 134 15.49 -21.21 -15.18
CA LYS A 134 16.07 -22.10 -14.19
C LYS A 134 14.99 -22.79 -13.34
N LEU A 135 13.83 -22.14 -13.25
CA LEU A 135 12.71 -22.60 -12.44
C LEU A 135 11.52 -23.05 -13.32
N SER B 12 2.13 -6.05 -42.53
CA SER B 12 2.02 -6.59 -41.14
C SER B 12 3.34 -7.21 -40.68
N ASP B 13 4.11 -7.72 -41.64
CA ASP B 13 5.42 -8.32 -41.38
C ASP B 13 6.43 -7.30 -40.82
N LEU B 14 6.64 -6.19 -41.52
CA LEU B 14 7.52 -5.17 -40.97
C LEU B 14 6.95 -4.55 -39.69
N GLY B 15 5.62 -4.52 -39.58
CA GLY B 15 4.95 -3.97 -38.38
C GLY B 15 5.26 -4.81 -37.14
N LYS B 16 5.19 -6.12 -37.31
CA LYS B 16 5.54 -7.09 -36.26
C LYS B 16 7.01 -6.92 -35.87
N LYS B 17 7.88 -6.78 -36.88
CA LYS B 17 9.31 -6.60 -36.64
C LYS B 17 9.59 -5.30 -35.88
N LEU B 18 8.85 -4.25 -36.25
CA LEU B 18 8.98 -2.98 -35.54
C LEU B 18 8.53 -3.05 -34.09
N LEU B 19 7.38 -3.68 -33.85
CA LEU B 19 6.93 -3.91 -32.47
C LEU B 19 8.03 -4.67 -31.66
N GLU B 20 8.57 -5.75 -32.25
CA GLU B 20 9.63 -6.53 -31.59
C GLU B 20 10.86 -5.65 -31.29
N ALA B 21 11.26 -4.81 -32.25
CA ALA B 21 12.45 -4.01 -32.05
C ALA B 21 12.24 -2.94 -30.97
N ALA B 22 11.03 -2.37 -30.93
CA ALA B 22 10.67 -1.36 -29.92
C ALA B 22 10.67 -2.01 -28.52
N ARG B 23 10.08 -3.21 -28.42
CA ARG B 23 10.07 -3.94 -27.15
C ARG B 23 11.46 -4.30 -26.63
N ALA B 24 12.36 -4.66 -27.54
CA ALA B 24 13.67 -5.15 -27.15
C ALA B 24 14.73 -4.05 -27.04
N GLY B 25 14.32 -2.80 -27.25
CA GLY B 25 15.23 -1.66 -27.26
C GLY B 25 16.28 -1.67 -28.37
N GLN B 26 15.92 -2.16 -29.55
CA GLN B 26 16.88 -2.30 -30.67
C GLN B 26 16.92 -1.06 -31.56
N ASP B 27 17.68 -0.04 -31.13
CA ASP B 27 17.62 1.31 -31.74
C ASP B 27 17.89 1.23 -33.25
N ASP B 28 18.96 0.53 -33.61
CA ASP B 28 19.41 0.55 -35.02
C ASP B 28 18.47 -0.28 -35.91
N GLU B 29 17.86 -1.29 -35.33
CA GLU B 29 16.85 -2.08 -36.01
C GLU B 29 15.57 -1.27 -36.24
N VAL B 30 15.15 -0.47 -35.25
CA VAL B 30 14.05 0.48 -35.49
C VAL B 30 14.36 1.41 -36.65
N ARG B 31 15.60 1.93 -36.71
CA ARG B 31 16.00 2.84 -37.80
C ARG B 31 15.92 2.12 -39.16
N ILE B 32 16.39 0.88 -39.21
CA ILE B 32 16.36 0.10 -40.46
C ILE B 32 14.91 -0.09 -40.90
N LEU B 33 14.04 -0.43 -39.93
CA LEU B 33 12.64 -0.68 -40.25
C LEU B 33 11.92 0.57 -40.73
N MET B 34 12.20 1.72 -40.11
CA MET B 34 11.65 3.01 -40.57
C MET B 34 12.09 3.28 -42.00
N ALA B 35 13.39 3.09 -42.26
CA ALA B 35 13.95 3.31 -43.59
C ALA B 35 13.26 2.44 -44.64
N ASN B 36 12.82 1.26 -44.22
CA ASN B 36 12.17 0.30 -45.12
C ASN B 36 10.65 0.45 -45.12
N GLY B 37 10.13 1.49 -44.45
CA GLY B 37 8.71 1.81 -44.55
C GLY B 37 7.75 1.05 -43.64
N ALA B 38 8.27 0.51 -42.55
CA ALA B 38 7.45 -0.21 -41.54
C ALA B 38 6.32 0.69 -41.05
N ASP B 39 5.16 0.08 -40.86
CA ASP B 39 4.02 0.78 -40.27
C ASP B 39 4.35 1.28 -38.84
N VAL B 40 4.56 2.59 -38.72
CA VAL B 40 4.96 3.22 -37.45
C VAL B 40 3.94 3.03 -36.32
N ASN B 41 2.68 2.78 -36.69
CA ASN B 41 1.60 2.67 -35.71
C ASN B 41 0.99 1.27 -35.74
N ALA B 42 1.81 0.28 -36.11
CA ALA B 42 1.35 -1.12 -36.09
C ALA B 42 0.89 -1.46 -34.67
N LYS B 43 -0.16 -2.28 -34.57
CA LYS B 43 -0.68 -2.68 -33.27
C LYS B 43 -0.43 -4.16 -33.00
N ASP B 44 0.09 -4.48 -31.81
CA ASP B 44 0.25 -5.90 -31.40
C ASP B 44 -1.07 -6.47 -30.92
N GLU B 45 -1.06 -7.72 -30.49
CA GLU B 45 -2.30 -8.38 -30.10
C GLU B 45 -2.88 -7.81 -28.79
N TYR B 46 -2.04 -7.10 -28.02
CA TYR B 46 -2.45 -6.37 -26.80
C TYR B 46 -3.03 -5.00 -27.14
N GLY B 47 -3.06 -4.68 -28.44
CA GLY B 47 -3.59 -3.41 -28.95
C GLY B 47 -2.65 -2.23 -28.75
N LEU B 48 -1.36 -2.51 -28.54
CA LEU B 48 -0.36 -1.47 -28.25
C LEU B 48 0.57 -1.16 -29.44
N THR B 49 1.02 0.09 -29.50
CA THR B 49 1.86 0.60 -30.60
C THR B 49 3.34 0.64 -30.23
N PRO B 50 4.24 0.73 -31.24
CA PRO B 50 5.67 0.85 -30.91
C PRO B 50 5.99 2.03 -30.00
N LEU B 51 5.33 3.18 -30.24
CA LEU B 51 5.57 4.37 -29.40
C LEU B 51 5.25 4.08 -27.91
N TYR B 52 4.16 3.37 -27.65
CA TYR B 52 3.76 3.04 -26.28
C TYR B 52 4.77 2.10 -25.63
N LEU B 53 5.19 1.07 -26.38
CA LEU B 53 6.10 0.09 -25.84
C LEU B 53 7.48 0.69 -25.57
N ALA B 54 7.95 1.58 -26.45
CA ALA B 54 9.28 2.19 -26.28
C ALA B 54 9.21 3.16 -25.07
N THR B 55 8.09 3.88 -24.97
CA THR B 55 7.85 4.79 -23.83
C THR B 55 7.85 4.01 -22.50
N ALA B 56 7.14 2.87 -22.49
CA ALA B 56 7.09 1.97 -21.31
C ALA B 56 8.47 1.58 -20.81
N HIS B 57 9.41 1.34 -21.73
CA HIS B 57 10.74 0.94 -21.37
C HIS B 57 11.72 2.12 -21.16
N GLY B 58 11.27 3.35 -21.40
CA GLY B 58 12.17 4.49 -21.32
C GLY B 58 13.22 4.59 -22.44
N HIS B 59 12.90 4.03 -23.62
CA HIS B 59 13.81 4.02 -24.79
C HIS B 59 13.69 5.32 -25.56
N LEU B 60 14.40 6.32 -25.05
CA LEU B 60 14.28 7.70 -25.56
C LEU B 60 14.65 7.79 -27.05
N GLU B 61 15.78 7.19 -27.44
CA GLU B 61 16.21 7.27 -28.86
C GLU B 61 15.18 6.67 -29.80
N ILE B 62 14.62 5.53 -29.42
CA ILE B 62 13.53 4.91 -30.20
C ILE B 62 12.27 5.75 -30.24
N VAL B 63 11.91 6.31 -29.08
CA VAL B 63 10.78 7.26 -29.05
C VAL B 63 10.95 8.40 -30.03
N GLU B 64 12.12 9.03 -30.01
CA GLU B 64 12.40 10.16 -30.90
C GLU B 64 12.24 9.71 -32.36
N VAL B 65 12.87 8.59 -32.72
CA VAL B 65 12.80 8.11 -34.11
C VAL B 65 11.36 7.81 -34.52
N LEU B 66 10.60 7.12 -33.66
CA LEU B 66 9.23 6.87 -33.97
C LEU B 66 8.43 8.17 -34.19
N LEU B 67 8.56 9.11 -33.25
CA LEU B 67 7.84 10.37 -33.41
C LEU B 67 8.15 11.13 -34.71
N LYS B 68 9.43 11.17 -35.08
CA LYS B 68 9.88 11.92 -36.26
C LYS B 68 9.41 11.21 -37.53
N ASN B 69 8.99 9.96 -37.39
CA ASN B 69 8.40 9.23 -38.50
C ASN B 69 6.89 8.99 -38.39
N GLY B 70 6.20 9.83 -37.63
CA GLY B 70 4.73 9.85 -37.67
C GLY B 70 4.00 9.01 -36.62
N ALA B 71 4.70 8.56 -35.60
CA ALA B 71 4.04 7.79 -34.53
C ALA B 71 2.89 8.61 -33.94
N ASP B 72 1.80 7.90 -33.63
CA ASP B 72 0.55 8.51 -33.16
C ASP B 72 0.62 8.80 -31.67
N VAL B 73 0.76 10.08 -31.29
CA VAL B 73 0.84 10.44 -29.88
C VAL B 73 -0.48 10.24 -29.12
N ASN B 74 -1.57 10.07 -29.86
CA ASN B 74 -2.90 9.93 -29.28
C ASN B 74 -3.35 8.50 -29.07
N ALA B 75 -2.52 7.54 -29.49
CA ALA B 75 -2.84 6.12 -29.31
C ALA B 75 -3.04 5.87 -27.83
N VAL B 76 -4.04 5.04 -27.49
CA VAL B 76 -4.28 4.69 -26.09
C VAL B 76 -4.22 3.20 -25.83
N ASP B 77 -3.92 2.83 -24.58
CA ASP B 77 -4.08 1.44 -24.13
C ASP B 77 -5.50 1.18 -23.59
N ALA B 78 -5.69 0.07 -22.88
CA ALA B 78 -7.02 -0.33 -22.38
C ALA B 78 -7.62 0.57 -21.28
N ILE B 79 -6.77 1.35 -20.61
CA ILE B 79 -7.25 2.30 -19.58
C ILE B 79 -7.22 3.77 -20.04
N GLY B 80 -6.98 4.00 -21.33
CA GLY B 80 -6.94 5.35 -21.90
C GLY B 80 -5.64 6.10 -21.71
N PHE B 81 -4.56 5.39 -21.32
CA PHE B 81 -3.24 5.99 -21.19
C PHE B 81 -2.68 6.23 -22.59
N THR B 82 -2.35 7.49 -22.87
CA THR B 82 -1.47 7.84 -23.99
C THR B 82 0.00 7.64 -23.58
N PRO B 83 0.92 7.67 -24.56
CA PRO B 83 2.33 7.66 -24.20
C PRO B 83 2.69 8.78 -23.20
N LEU B 84 2.05 9.96 -23.28
CA LEU B 84 2.32 11.01 -22.30
C LEU B 84 1.91 10.58 -20.87
N HIS B 85 0.77 9.90 -20.74
CA HIS B 85 0.36 9.33 -19.45
C HIS B 85 1.40 8.35 -18.94
N LEU B 86 1.88 7.47 -19.85
CA LEU B 86 2.88 6.51 -19.47
C LEU B 86 4.18 7.16 -19.01
N ALA B 87 4.62 8.19 -19.72
CA ALA B 87 5.88 8.90 -19.35
C ALA B 87 5.70 9.56 -17.97
N ALA B 88 4.50 10.05 -17.70
CA ALA B 88 4.17 10.71 -16.42
C ALA B 88 4.19 9.70 -15.28
N PHE B 89 3.75 8.49 -15.60
CA PHE B 89 3.75 7.38 -14.66
C PHE B 89 5.15 6.90 -14.33
N ILE B 90 5.96 6.61 -15.36
CA ILE B 90 7.33 6.17 -15.09
C ILE B 90 8.27 7.29 -14.69
N GLY B 91 7.89 8.54 -14.97
CA GLY B 91 8.68 9.69 -14.49
C GLY B 91 9.82 10.02 -15.46
N HIS B 92 9.59 9.85 -16.76
CA HIS B 92 10.68 10.05 -17.74
C HIS B 92 10.56 11.41 -18.35
N LEU B 93 11.39 12.33 -17.86
CA LEU B 93 11.29 13.75 -18.22
C LEU B 93 11.53 13.96 -19.71
N GLU B 94 12.66 13.45 -20.20
CA GLU B 94 13.06 13.69 -21.58
C GLU B 94 12.03 13.12 -22.57
N ILE B 95 11.49 11.93 -22.25
CA ILE B 95 10.45 11.36 -23.12
C ILE B 95 9.18 12.22 -23.12
N ALA B 96 8.76 12.67 -21.93
CA ALA B 96 7.64 13.61 -21.86
C ALA B 96 7.88 14.86 -22.71
N GLU B 97 9.08 15.43 -22.60
CA GLU B 97 9.43 16.61 -23.40
C GLU B 97 9.34 16.39 -24.92
N VAL B 98 9.86 15.26 -25.41
CA VAL B 98 9.83 14.98 -26.84
C VAL B 98 8.39 14.67 -27.31
N LEU B 99 7.62 14.01 -26.46
CA LEU B 99 6.20 13.81 -26.77
C LEU B 99 5.44 15.15 -26.92
N LEU B 100 5.68 16.07 -25.98
CA LEU B 100 5.09 17.41 -26.07
C LEU B 100 5.55 18.13 -27.34
N LYS B 101 6.83 17.95 -27.69
CA LYS B 101 7.41 18.63 -28.88
C LYS B 101 6.71 18.15 -30.14
N HIS B 102 6.23 16.90 -30.11
CA HIS B 102 5.54 16.29 -31.25
C HIS B 102 4.01 16.30 -31.10
N GLY B 103 3.50 17.17 -30.25
CA GLY B 103 2.06 17.47 -30.26
C GLY B 103 1.20 16.73 -29.26
N ALA B 104 1.82 16.04 -28.29
CA ALA B 104 1.07 15.33 -27.23
C ALA B 104 0.15 16.31 -26.50
N ASP B 105 -1.03 15.82 -26.11
CA ASP B 105 -2.07 16.67 -25.53
C ASP B 105 -2.07 16.59 -24.00
N VAL B 106 -1.74 17.71 -23.34
CA VAL B 106 -1.71 17.74 -21.87
C VAL B 106 -3.09 17.53 -21.25
N ASN B 107 -4.14 17.81 -22.02
CA ASN B 107 -5.52 17.71 -21.55
C ASN B 107 -6.18 16.35 -21.71
N ALA B 108 -5.51 15.44 -22.45
CA ALA B 108 -6.05 14.10 -22.68
C ALA B 108 -6.33 13.38 -21.37
N GLN B 109 -7.54 12.84 -21.24
CA GLN B 109 -7.95 12.13 -20.02
C GLN B 109 -8.02 10.62 -20.21
N ASP B 110 -7.55 9.85 -19.22
CA ASP B 110 -7.70 8.40 -19.25
C ASP B 110 -9.14 8.00 -18.95
N LYS B 111 -9.35 6.69 -18.81
CA LYS B 111 -10.66 6.11 -18.54
C LYS B 111 -11.35 6.69 -17.27
N PHE B 112 -10.55 7.14 -16.32
CA PHE B 112 -11.10 7.68 -15.07
C PHE B 112 -10.93 9.18 -14.94
N GLY B 113 -10.71 9.84 -16.08
CA GLY B 113 -10.70 11.31 -16.16
C GLY B 113 -9.39 11.98 -15.82
N LYS B 114 -8.32 11.19 -15.66
CA LYS B 114 -7.02 11.69 -15.23
C LYS B 114 -6.15 12.14 -16.41
N THR B 115 -5.53 13.31 -16.28
CA THR B 115 -4.55 13.78 -17.27
C THR B 115 -3.15 13.27 -16.91
N ALA B 116 -2.19 13.40 -17.85
CA ALA B 116 -0.81 13.07 -17.53
C ALA B 116 -0.31 13.84 -16.30
N PHE B 117 -0.70 15.12 -16.16
CA PHE B 117 -0.35 15.89 -14.97
C PHE B 117 -0.84 15.15 -13.70
N ASP B 118 -2.11 14.76 -13.70
CA ASP B 118 -2.67 14.00 -12.57
C ASP B 118 -1.86 12.74 -12.26
N ILE B 119 -1.53 11.97 -13.30
CA ILE B 119 -0.69 10.77 -13.16
C ILE B 119 0.68 11.09 -12.52
N SER B 120 1.35 12.14 -12.97
CA SER B 120 2.66 12.49 -12.40
C SER B 120 2.57 12.84 -10.91
N ILE B 121 1.55 13.61 -10.55
CA ILE B 121 1.27 13.94 -9.15
C ILE B 121 1.00 12.69 -8.31
N GLY B 122 0.18 11.78 -8.84
CA GLY B 122 -0.20 10.59 -8.09
C GLY B 122 0.94 9.58 -7.90
N ASN B 123 1.95 9.67 -8.78
CA ASN B 123 3.10 8.75 -8.74
C ASN B 123 4.44 9.36 -8.27
N GLY B 124 4.35 10.49 -7.56
CA GLY B 124 5.52 11.14 -6.95
C GLY B 124 6.52 11.68 -7.96
N ASN B 125 6.02 12.05 -9.15
CA ASN B 125 6.85 12.58 -10.23
C ASN B 125 6.66 14.10 -10.39
N GLU B 126 6.95 14.82 -9.31
CA GLU B 126 6.79 16.29 -9.22
C GLU B 126 7.53 17.07 -10.32
N ASP B 127 8.68 16.57 -10.74
CA ASP B 127 9.47 17.17 -11.82
C ASP B 127 8.73 17.13 -13.16
N LEU B 128 7.99 16.06 -13.41
CA LEU B 128 7.17 15.93 -14.62
C LEU B 128 5.96 16.86 -14.49
N ALA B 129 5.35 16.89 -13.30
CA ALA B 129 4.15 17.70 -13.05
C ALA B 129 4.36 19.14 -13.52
N GLU B 130 5.58 19.64 -13.27
CA GLU B 130 5.94 21.03 -13.59
C GLU B 130 5.86 21.37 -15.08
N ILE B 131 6.10 20.38 -15.95
CA ILE B 131 6.03 20.62 -17.39
C ILE B 131 4.73 20.10 -18.04
N LEU B 132 3.83 19.55 -17.23
CA LEU B 132 2.62 18.90 -17.75
C LEU B 132 1.34 19.70 -17.57
N GLN B 133 1.47 20.90 -17.02
CA GLN B 133 0.31 21.77 -16.80
C GLN B 133 0.40 23.03 -17.66
N LYS B 134 1.32 23.93 -17.28
CA LYS B 134 1.59 25.18 -18.02
C LYS B 134 2.04 24.93 -19.46
N LEU B 135 3.12 24.16 -19.62
CA LEU B 135 3.69 23.86 -20.95
C LEU B 135 2.89 22.78 -21.67
N SER C 12 1.82 -14.76 29.32
CA SER C 12 3.22 -15.03 28.83
C SER C 12 3.52 -14.33 27.50
N ASP C 13 3.75 -15.11 26.44
CA ASP C 13 3.70 -14.59 25.08
C ASP C 13 2.28 -14.12 24.77
N LEU C 14 1.28 -14.85 25.28
CA LEU C 14 -0.10 -14.37 25.15
C LEU C 14 -0.37 -13.08 25.95
N GLY C 15 0.27 -12.93 27.11
CA GLY C 15 0.10 -11.70 27.94
C GLY C 15 0.64 -10.51 27.18
N LYS C 16 1.81 -10.69 26.57
CA LYS C 16 2.41 -9.68 25.69
C LYS C 16 1.46 -9.30 24.55
N LYS C 17 0.89 -10.31 23.88
CA LYS C 17 -0.08 -10.07 22.82
C LYS C 17 -1.36 -9.37 23.33
N LEU C 18 -1.81 -9.72 24.53
CA LEU C 18 -2.97 -9.07 25.12
C LEU C 18 -2.72 -7.59 25.40
N LEU C 19 -1.55 -7.30 25.97
CA LEU C 19 -1.16 -5.89 26.19
C LEU C 19 -1.15 -5.10 24.88
N GLU C 20 -0.63 -5.72 23.84
CA GLU C 20 -0.57 -5.12 22.52
C GLU C 20 -1.95 -4.85 21.98
N ALA C 21 -2.87 -5.81 22.14
CA ALA C 21 -4.20 -5.66 21.58
C ALA C 21 -5.00 -4.56 22.34
N ALA C 22 -4.77 -4.49 23.65
CA ALA C 22 -5.42 -3.49 24.50
C ALA C 22 -4.95 -2.09 24.11
N ARG C 23 -3.63 -1.92 23.88
CA ARG C 23 -3.04 -0.64 23.47
C ARG C 23 -3.59 -0.16 22.15
N ALA C 24 -3.77 -1.11 21.24
CA ALA C 24 -4.13 -0.81 19.88
C ALA C 24 -5.64 -0.85 19.63
N GLY C 25 -6.42 -1.16 20.67
CA GLY C 25 -7.88 -1.15 20.51
C GLY C 25 -8.41 -2.27 19.65
N GLN C 26 -7.73 -3.42 19.65
CA GLN C 26 -8.14 -4.54 18.78
C GLN C 26 -9.13 -5.46 19.53
N ASP C 27 -10.40 -5.09 19.50
CA ASP C 27 -11.47 -5.74 20.28
C ASP C 27 -11.50 -7.26 20.05
N ASP C 28 -11.52 -7.64 18.78
CA ASP C 28 -11.72 -9.06 18.41
C ASP C 28 -10.48 -9.86 18.80
N GLU C 29 -9.31 -9.23 18.70
CA GLU C 29 -8.07 -9.85 19.15
C GLU C 29 -8.06 -10.09 20.64
N VAL C 30 -8.53 -9.12 21.44
CA VAL C 30 -8.70 -9.37 22.86
C VAL C 30 -9.59 -10.59 23.09
N ARG C 31 -10.71 -10.69 22.37
CA ARG C 31 -11.64 -11.82 22.56
C ARG C 31 -10.95 -13.16 22.28
N ILE C 32 -10.17 -13.21 21.21
CA ILE C 32 -9.42 -14.43 20.82
C ILE C 32 -8.44 -14.77 21.92
N LEU C 33 -7.73 -13.75 22.43
CA LEU C 33 -6.73 -14.01 23.48
C LEU C 33 -7.35 -14.47 24.79
N MET C 34 -8.48 -13.87 25.18
CA MET C 34 -9.26 -14.36 26.33
C MET C 34 -9.67 -15.84 26.13
N ALA C 35 -10.17 -16.16 24.94
CA ALA C 35 -10.62 -17.53 24.63
C ALA C 35 -9.48 -18.54 24.77
N ASN C 36 -8.27 -18.07 24.48
CA ASN C 36 -7.08 -18.93 24.53
C ASN C 36 -6.35 -18.86 25.89
N GLY C 37 -6.98 -18.23 26.88
CA GLY C 37 -6.47 -18.22 28.24
C GLY C 37 -5.31 -17.28 28.54
N ALA C 38 -5.19 -16.20 27.76
CA ALA C 38 -4.15 -15.18 28.00
C ALA C 38 -4.25 -14.65 29.42
N ASP C 39 -3.10 -14.36 30.04
CA ASP C 39 -3.07 -13.77 31.39
C ASP C 39 -3.72 -12.39 31.39
N VAL C 40 -4.96 -12.29 31.91
CA VAL C 40 -5.72 -11.03 31.85
C VAL C 40 -5.04 -9.86 32.61
N ASN C 41 -4.17 -10.21 33.56
CA ASN C 41 -3.43 -9.23 34.37
C ASN C 41 -1.94 -9.16 34.11
N ALA C 42 -1.55 -9.53 32.88
CA ALA C 42 -0.17 -9.39 32.41
C ALA C 42 0.28 -7.96 32.63
N LYS C 43 1.54 -7.79 32.98
CA LYS C 43 2.08 -6.44 33.24
C LYS C 43 3.12 -6.15 32.17
N ASP C 44 3.10 -4.95 31.59
CA ASP C 44 4.16 -4.59 30.65
C ASP C 44 5.40 -4.05 31.38
N GLU C 45 6.44 -3.66 30.63
CA GLU C 45 7.66 -3.17 31.27
C GLU C 45 7.41 -1.90 32.10
N TYR C 46 6.29 -1.21 31.84
CA TYR C 46 5.92 0.04 32.55
C TYR C 46 5.15 -0.32 33.81
N GLY C 47 4.98 -1.63 34.04
CA GLY C 47 4.18 -2.10 35.17
C GLY C 47 2.67 -1.96 35.07
N LEU C 48 2.14 -1.81 33.84
CA LEU C 48 0.71 -1.56 33.63
C LEU C 48 0.00 -2.76 33.05
N THR C 49 -1.31 -2.82 33.27
CA THR C 49 -2.11 -4.01 32.91
C THR C 49 -2.98 -3.68 31.73
N PRO C 50 -3.50 -4.71 31.01
CA PRO C 50 -4.41 -4.42 29.92
C PRO C 50 -5.66 -3.57 30.29
N LEU C 51 -6.26 -3.82 31.47
CA LEU C 51 -7.41 -3.01 31.91
C LEU C 51 -7.05 -1.49 32.01
N TYR C 52 -5.87 -1.21 32.51
CA TYR C 52 -5.45 0.21 32.64
C TYR C 52 -5.23 0.80 31.26
N LEU C 53 -4.57 0.03 30.39
CA LEU C 53 -4.26 0.58 29.05
C LEU C 53 -5.55 0.80 28.24
N ALA C 54 -6.51 -0.14 28.32
CA ALA C 54 -7.78 0.01 27.63
C ALA C 54 -8.56 1.20 28.20
N THR C 55 -8.51 1.38 29.53
CA THR C 55 -9.20 2.53 30.17
C THR C 55 -8.60 3.86 29.67
N ALA C 56 -7.27 3.88 29.61
CA ALA C 56 -6.51 5.05 29.13
C ALA C 56 -6.95 5.54 27.73
N HIS C 57 -7.31 4.60 26.84
CA HIS C 57 -7.80 4.91 25.52
C HIS C 57 -9.32 5.05 25.39
N GLY C 58 -10.06 4.79 26.47
CA GLY C 58 -11.52 4.82 26.43
C GLY C 58 -12.10 3.64 25.64
N HIS C 59 -11.39 2.50 25.61
CA HIS C 59 -11.88 1.33 24.84
C HIS C 59 -12.88 0.55 25.69
N LEU C 60 -14.15 0.99 25.62
CA LEU C 60 -15.19 0.43 26.53
C LEU C 60 -15.42 -1.07 26.27
N GLU C 61 -15.49 -1.48 25.01
CA GLU C 61 -15.79 -2.92 24.73
C GLU C 61 -14.69 -3.81 25.29
N ILE C 62 -13.44 -3.38 25.14
CA ILE C 62 -12.30 -4.10 25.67
C ILE C 62 -12.32 -4.11 27.18
N VAL C 63 -12.63 -2.96 27.79
CA VAL C 63 -12.69 -2.93 29.27
C VAL C 63 -13.72 -3.97 29.78
N GLU C 64 -14.88 -4.04 29.14
CA GLU C 64 -15.98 -4.93 29.57
C GLU C 64 -15.52 -6.39 29.45
N VAL C 65 -14.89 -6.72 28.33
CA VAL C 65 -14.42 -8.12 28.13
C VAL C 65 -13.33 -8.45 29.17
N LEU C 66 -12.39 -7.53 29.39
CA LEU C 66 -11.37 -7.77 30.40
C LEU C 66 -11.98 -8.03 31.80
N LEU C 67 -12.91 -7.17 32.20
CA LEU C 67 -13.50 -7.30 33.52
C LEU C 67 -14.24 -8.63 33.66
N LYS C 68 -14.99 -9.01 32.62
CA LYS C 68 -15.74 -10.26 32.65
C LYS C 68 -14.85 -11.50 32.72
N ASN C 69 -13.58 -11.32 32.37
CA ASN C 69 -12.60 -12.40 32.41
C ASN C 69 -11.56 -12.24 33.52
N GLY C 70 -11.88 -11.44 34.54
CA GLY C 70 -11.11 -11.45 35.78
C GLY C 70 -10.05 -10.37 35.94
N ALA C 71 -10.10 -9.33 35.07
CA ALA C 71 -9.11 -8.25 35.17
C ALA C 71 -9.14 -7.62 36.56
N ASP C 72 -7.97 -7.21 37.05
CA ASP C 72 -7.79 -6.74 38.42
C ASP C 72 -8.14 -5.24 38.51
N VAL C 73 -9.31 -4.95 39.09
CA VAL C 73 -9.71 -3.55 39.37
C VAL C 73 -8.81 -2.81 40.34
N ASN C 74 -7.98 -3.53 41.09
CA ASN C 74 -7.08 -2.91 42.08
C ASN C 74 -5.67 -2.61 41.60
N ALA C 75 -5.34 -2.97 40.35
CA ALA C 75 -4.00 -2.75 39.86
C ALA C 75 -3.76 -1.24 39.83
N VAL C 76 -2.52 -0.82 40.16
CA VAL C 76 -2.19 0.61 40.19
C VAL C 76 -1.01 0.93 39.27
N ASP C 77 -0.98 2.18 38.79
CA ASP C 77 0.21 2.70 38.11
C ASP C 77 1.20 3.31 39.10
N ALA C 78 2.15 4.09 38.58
CA ALA C 78 3.24 4.60 39.40
C ALA C 78 2.80 5.69 40.39
N ILE C 79 1.63 6.27 40.18
CA ILE C 79 1.12 7.30 41.12
C ILE C 79 -0.05 6.76 41.98
N GLY C 80 -0.25 5.43 41.94
CA GLY C 80 -1.34 4.79 42.70
C GLY C 80 -2.71 4.92 42.07
N PHE C 81 -2.77 5.30 40.78
CA PHE C 81 -4.03 5.34 40.08
C PHE C 81 -4.49 3.93 39.74
N THR C 82 -5.66 3.56 40.22
CA THR C 82 -6.39 2.36 39.72
C THR C 82 -7.07 2.77 38.41
N PRO C 83 -7.60 1.78 37.65
CA PRO C 83 -8.36 2.16 36.46
C PRO C 83 -9.53 3.12 36.73
N LEU C 84 -10.16 3.02 37.91
CA LEU C 84 -11.22 3.97 38.24
C LEU C 84 -10.69 5.42 38.38
N HIS C 85 -9.54 5.58 39.02
CA HIS C 85 -8.89 6.93 39.09
C HIS C 85 -8.66 7.45 37.68
N LEU C 86 -8.15 6.58 36.80
CA LEU C 86 -7.87 7.01 35.44
C LEU C 86 -9.13 7.42 34.67
N ALA C 87 -10.21 6.65 34.83
CA ALA C 87 -11.46 6.97 34.16
C ALA C 87 -11.99 8.31 34.71
N ALA C 88 -11.82 8.51 36.00
CA ALA C 88 -12.23 9.77 36.70
C ALA C 88 -11.42 10.93 36.16
N PHE C 89 -10.12 10.70 35.90
CA PHE C 89 -9.26 11.74 35.32
C PHE C 89 -9.69 12.11 33.88
N ILE C 90 -9.85 11.11 33.05
CA ILE C 90 -10.19 11.35 31.66
C ILE C 90 -11.62 11.79 31.46
N GLY C 91 -12.54 11.33 32.30
CA GLY C 91 -13.93 11.63 32.11
C GLY C 91 -14.68 10.55 31.35
N HIS C 92 -14.25 9.30 31.49
CA HIS C 92 -14.93 8.20 30.76
C HIS C 92 -16.05 7.63 31.69
N LEU C 93 -17.27 8.11 31.50
CA LEU C 93 -18.36 7.79 32.45
C LEU C 93 -18.75 6.29 32.37
N GLU C 94 -18.92 5.78 31.16
CA GLU C 94 -19.36 4.37 31.02
C GLU C 94 -18.31 3.37 31.51
N ILE C 95 -17.04 3.65 31.25
CA ILE C 95 -15.98 2.81 31.81
C ILE C 95 -15.96 2.88 33.33
N ALA C 96 -16.13 4.08 33.90
CA ALA C 96 -16.20 4.15 35.37
C ALA C 96 -17.38 3.31 35.92
N GLU C 97 -18.51 3.39 35.24
CA GLU C 97 -19.73 2.71 35.69
C GLU C 97 -19.49 1.21 35.66
N VAL C 98 -18.84 0.72 34.62
CA VAL C 98 -18.69 -0.76 34.54
C VAL C 98 -17.59 -1.20 35.52
N LEU C 99 -16.55 -0.39 35.72
CA LEU C 99 -15.55 -0.67 36.76
C LEU C 99 -16.24 -0.82 38.13
N LEU C 100 -17.13 0.11 38.46
CA LEU C 100 -17.86 0.03 39.71
C LEU C 100 -18.75 -1.24 39.81
N LYS C 101 -19.39 -1.62 38.72
CA LYS C 101 -20.23 -2.83 38.71
C LYS C 101 -19.38 -4.08 39.01
N HIS C 102 -18.11 -4.02 38.61
CA HIS C 102 -17.15 -5.10 38.87
C HIS C 102 -16.31 -4.97 40.12
N GLY C 103 -16.73 -4.11 41.04
CA GLY C 103 -16.09 -4.06 42.35
C GLY C 103 -14.88 -3.15 42.54
N ALA C 104 -14.66 -2.20 41.62
CA ALA C 104 -13.64 -1.17 41.82
C ALA C 104 -13.97 -0.49 43.16
N ASP C 105 -12.93 -0.29 43.97
CA ASP C 105 -13.06 0.32 45.31
C ASP C 105 -13.22 1.82 45.12
N VAL C 106 -14.44 2.30 45.38
CA VAL C 106 -14.74 3.71 45.12
C VAL C 106 -13.81 4.62 45.95
N ASN C 107 -13.38 4.12 47.11
CA ASN C 107 -12.64 4.95 48.08
C ASN C 107 -11.12 4.66 48.11
N ALA C 108 -10.66 3.92 47.10
CA ALA C 108 -9.23 3.66 46.93
C ALA C 108 -8.48 4.99 46.81
N GLN C 109 -7.37 5.09 47.54
CA GLN C 109 -6.55 6.29 47.50
C GLN C 109 -5.29 6.12 46.66
N ASP C 110 -4.96 7.14 45.87
CA ASP C 110 -3.68 7.15 45.16
C ASP C 110 -2.50 7.47 46.12
N LYS C 111 -1.31 7.65 45.56
CA LYS C 111 -0.09 7.88 46.32
C LYS C 111 -0.17 9.09 47.26
N PHE C 112 -1.03 10.05 46.91
CA PHE C 112 -1.19 11.31 47.63
C PHE C 112 -2.53 11.44 48.35
N GLY C 113 -3.19 10.31 48.53
CA GLY C 113 -4.40 10.19 49.34
C GLY C 113 -5.69 10.55 48.63
N LYS C 114 -5.64 10.72 47.31
CA LYS C 114 -6.78 11.15 46.53
C LYS C 114 -7.60 9.97 46.03
N THR C 115 -8.92 10.10 46.12
CA THR C 115 -9.84 9.08 45.56
C THR C 115 -10.23 9.44 44.12
N ALA C 116 -10.87 8.51 43.42
CA ALA C 116 -11.40 8.78 42.09
C ALA C 116 -12.33 10.04 42.12
N PHE C 117 -13.15 10.15 43.17
CA PHE C 117 -13.98 11.36 43.32
C PHE C 117 -13.09 12.64 43.32
N ASP C 118 -12.05 12.64 44.14
CA ASP C 118 -11.14 13.80 44.24
C ASP C 118 -10.59 14.16 42.87
N ILE C 119 -10.20 13.13 42.10
CA ILE C 119 -9.64 13.34 40.79
C ILE C 119 -10.69 13.91 39.83
N SER C 120 -11.93 13.40 39.91
CA SER C 120 -13.01 13.90 39.03
C SER C 120 -13.32 15.39 39.26
N ILE C 121 -13.29 15.79 40.51
CA ILE C 121 -13.49 17.21 40.88
C ILE C 121 -12.34 18.07 40.36
N GLY C 122 -11.11 17.60 40.60
CA GLY C 122 -9.89 18.35 40.18
C GLY C 122 -9.82 18.56 38.67
N ASN C 123 -10.39 17.63 37.90
CA ASN C 123 -10.35 17.69 36.45
C ASN C 123 -11.66 18.09 35.81
N GLY C 124 -12.61 18.55 36.64
CA GLY C 124 -13.81 19.18 36.11
C GLY C 124 -14.79 18.23 35.41
N ASN C 125 -14.76 16.95 35.77
CA ASN C 125 -15.65 15.93 35.18
C ASN C 125 -16.85 15.73 36.10
N GLU C 126 -17.86 16.58 35.92
CA GLU C 126 -18.97 16.71 36.88
C GLU C 126 -19.87 15.45 36.89
N ASP C 127 -20.03 14.80 35.73
CA ASP C 127 -20.85 13.57 35.69
C ASP C 127 -20.17 12.40 36.39
N LEU C 128 -18.84 12.30 36.25
CA LEU C 128 -18.05 11.30 36.98
C LEU C 128 -18.20 11.58 38.46
N ALA C 129 -18.05 12.84 38.86
CA ALA C 129 -18.12 13.15 40.29
C ALA C 129 -19.46 12.72 40.91
N GLU C 130 -20.55 12.93 40.16
CA GLU C 130 -21.88 12.59 40.67
C GLU C 130 -22.02 11.11 40.90
N ILE C 131 -21.59 10.29 39.92
CA ILE C 131 -21.77 8.85 40.09
C ILE C 131 -20.88 8.28 41.21
N LEU C 132 -19.69 8.85 41.37
CA LEU C 132 -18.76 8.41 42.40
C LEU C 132 -19.27 8.77 43.79
N GLN C 133 -19.77 9.99 43.91
CA GLN C 133 -20.28 10.46 45.21
C GLN C 133 -21.49 9.66 45.65
N LYS C 134 -22.30 9.19 44.71
CA LYS C 134 -23.49 8.38 45.08
C LYS C 134 -23.11 7.05 45.80
N LEU C 135 -21.89 6.58 45.56
CA LEU C 135 -21.42 5.29 46.11
C LEU C 135 -20.38 5.45 47.20
N ASN C 136 -19.96 6.70 47.40
CA ASN C 136 -18.79 7.11 48.17
C ASN C 136 -18.44 6.23 49.36
#